data_7N7K
#
_entry.id   7N7K
#
_cell.length_a   135.948
_cell.length_b   135.948
_cell.length_c   94.910
_cell.angle_alpha   90.000
_cell.angle_beta   90.000
_cell.angle_gamma   120.000
#
_symmetry.space_group_name_H-M   'P 61 2 2'
#
loop_
_entity.id
_entity.type
_entity.pdbx_description
1 polymer 'Phosphatidylinositol 5-phosphate 4-kinase type-2 alpha'
2 non-polymer 'MANGANESE (II) ION'
3 non-polymer 'PHOSPHOAMINOPHOSPHONIC ACID-ADENYLATE ESTER'
4 non-polymer 'SULFATE ION'
5 water water
#
_entity_poly.entity_id   1
_entity_poly.type   'polypeptide(L)'
_entity_poly.pdbx_seq_one_letter_code
;GSHMASDPLLSVLMWGVNHSINELSHVQIPVMLMPDDFKAYSKIKVDNHLFNKENMPSHFKFKEYCPMVFRNLRERFGID
DQDFQNSLTRSAPLPNDSQARSGARFHTSYDKRYIIKTITSEDVAEMHNILKKYHQYIVECHGITLLPQFLGMYRLNVDG
VEIYVIVTRNVFSHRLSVYRKYDLKGSTVAREASDKEKAKELPTLKDNDFINEGQKIYIDDNNKKVFLEKLKKDVEFLAQ
LKLMDYSLLVGIHDVERAEQEEVECEENDGEEEGESDGTHPVGTPPDSPGNTLNSSPPLAPGEFDPNIDVYGIKCHENSP
RKEVYFMAIIDILTHYDAKKKAAHAAKTVKHGAGAEISTVNPEQYSKRFLDFIGHIL
;
_entity_poly.pdbx_strand_id   A
#
# COMPACT_ATOMS: atom_id res chain seq x y z
N SER A 6 -0.47 15.44 -18.52
CA SER A 6 -1.26 14.72 -19.56
C SER A 6 -2.61 14.23 -19.00
N ASP A 7 -2.57 13.24 -18.12
CA ASP A 7 -3.77 12.73 -17.43
C ASP A 7 -4.31 13.81 -16.47
N PRO A 8 -5.52 14.33 -16.76
CA PRO A 8 -6.04 15.42 -15.94
C PRO A 8 -6.43 14.96 -14.53
N LEU A 9 -6.85 13.70 -14.38
CA LEU A 9 -7.20 13.19 -13.05
C LEU A 9 -5.94 13.08 -12.22
N LEU A 10 -4.84 12.70 -12.86
CA LEU A 10 -3.55 12.66 -12.18
C LEU A 10 -3.07 14.06 -11.77
N SER A 11 -3.26 15.05 -12.66
CA SER A 11 -2.90 16.44 -12.38
C SER A 11 -3.72 17.03 -11.23
N VAL A 12 -5.00 16.65 -11.15
CA VAL A 12 -5.84 17.11 -10.04
C VAL A 12 -5.34 16.47 -8.71
N LEU A 13 -5.00 15.19 -8.75
CA LEU A 13 -4.44 14.53 -7.56
C LEU A 13 -3.20 15.25 -7.06
N MET A 14 -2.27 15.55 -7.98
CA MET A 14 -1.05 16.21 -7.60
C MET A 14 -1.35 17.58 -7.03
N TRP A 15 -2.24 18.30 -7.69
CA TRP A 15 -2.62 19.64 -7.26
C TRP A 15 -3.24 19.58 -5.85
N GLY A 16 -4.13 18.60 -5.65
CA GLY A 16 -4.84 18.45 -4.38
C GLY A 16 -3.96 17.99 -3.21
N VAL A 17 -3.11 17.00 -3.46
CA VAL A 17 -2.13 16.59 -2.43
C VAL A 17 -1.27 17.79 -2.03
N ASN A 18 -0.81 18.55 -3.04
CA ASN A 18 0.00 19.72 -2.76
C ASN A 18 -0.76 20.73 -1.90
N HIS A 19 -2.00 20.98 -2.28
CA HIS A 19 -2.88 21.87 -1.54
C HIS A 19 -3.11 21.36 -0.10
N SER A 20 -3.46 20.09 0.00
CA SER A 20 -3.74 19.45 1.30
C SER A 20 -2.56 19.60 2.29
N ILE A 21 -1.35 19.25 1.85
CA ILE A 21 -0.19 19.31 2.73
C ILE A 21 0.14 20.75 3.12
N ASN A 22 0.08 21.68 2.16
CA ASN A 22 0.33 23.09 2.49
C ASN A 22 -0.66 23.63 3.54
N GLU A 23 -1.94 23.30 3.39
CA GLU A 23 -2.95 23.69 4.39
C GLU A 23 -2.60 23.15 5.77
N LEU A 24 -2.24 21.87 5.84
CA LEU A 24 -1.92 21.24 7.12
C LEU A 24 -0.65 21.81 7.73
N SER A 25 0.27 22.28 6.87
CA SER A 25 1.53 22.85 7.34
C SER A 25 1.26 24.03 8.26
N HIS A 26 0.09 24.65 8.12
CA HIS A 26 -0.30 25.79 8.96
C HIS A 26 -1.14 25.40 10.18
N VAL A 27 -1.50 24.13 10.31
CA VAL A 27 -2.34 23.66 11.43
C VAL A 27 -1.45 23.25 12.62
N GLN A 28 -1.87 23.61 13.82
CA GLN A 28 -1.27 23.10 15.04
C GLN A 28 -1.62 21.62 15.15
N ILE A 29 -0.63 20.73 15.15
CA ILE A 29 -0.93 19.31 15.21
C ILE A 29 -0.78 18.85 16.67
N PRO A 30 -1.91 18.45 17.31
CA PRO A 30 -1.84 17.92 18.69
C PRO A 30 -1.38 16.47 18.68
N VAL A 31 -1.02 15.94 19.84
CA VAL A 31 -0.58 14.53 19.92
C VAL A 31 -1.75 13.58 19.75
N MET A 32 -2.98 14.08 19.90
CA MET A 32 -4.16 13.19 19.85
C MET A 32 -5.20 13.58 18.81
N LEU A 33 -5.98 12.59 18.40
CA LEU A 33 -7.13 12.82 17.54
C LEU A 33 -8.37 12.88 18.41
N MET A 34 -9.37 13.62 17.95
CA MET A 34 -10.67 13.62 18.62
C MET A 34 -11.67 12.86 17.75
N PRO A 35 -12.79 12.40 18.35
CA PRO A 35 -13.73 11.58 17.57
C PRO A 35 -14.15 12.25 16.25
N ASP A 36 -14.37 13.57 16.28
CA ASP A 36 -14.80 14.30 15.09
C ASP A 36 -13.77 14.27 13.96
N ASP A 37 -12.49 14.13 14.30
CA ASP A 37 -11.45 14.01 13.25
C ASP A 37 -11.71 12.87 12.29
N PHE A 38 -12.38 11.83 12.78
CA PHE A 38 -12.70 10.63 11.99
C PHE A 38 -13.96 10.83 11.13
N LYS A 39 -14.58 11.99 11.24
CA LYS A 39 -15.75 12.29 10.42
C LYS A 39 -15.51 13.56 9.56
N ALA A 40 -14.28 14.05 9.62
CA ALA A 40 -13.94 15.34 9.04
C ALA A 40 -13.59 15.21 7.56
N TYR A 41 -13.69 16.30 6.83
CA TYR A 41 -13.15 16.33 5.47
C TYR A 41 -12.86 17.78 5.08
N SER A 42 -12.10 17.96 4.00
CA SER A 42 -11.99 19.26 3.40
C SER A 42 -12.26 19.13 1.91
N LYS A 43 -13.04 20.07 1.39
CA LYS A 43 -13.48 20.08 -0.01
C LYS A 43 -12.96 21.35 -0.66
N ILE A 44 -12.52 21.22 -1.92
CA ILE A 44 -12.17 22.39 -2.73
C ILE A 44 -12.81 22.18 -4.09
N LYS A 45 -13.43 23.24 -4.59
CA LYS A 45 -14.04 23.24 -5.93
C LYS A 45 -13.46 24.43 -6.69
N VAL A 46 -12.86 24.14 -7.85
CA VAL A 46 -12.18 25.17 -8.62
C VAL A 46 -12.90 25.34 -9.96
N ASP A 47 -13.16 26.59 -10.32
CA ASP A 47 -13.75 26.94 -11.62
C ASP A 47 -12.93 28.05 -12.28
N ASN A 48 -12.21 27.69 -13.34
CA ASN A 48 -11.44 28.66 -14.13
C ASN A 48 -12.15 28.93 -15.44
N HIS A 49 -12.51 30.19 -15.65
CA HIS A 49 -13.18 30.61 -16.87
C HIS A 49 -12.18 31.40 -17.71
N LEU A 50 -11.87 30.85 -18.89
CA LEU A 50 -10.95 31.48 -19.87
C LEU A 50 -9.58 31.77 -19.26
N PHE A 51 -9.09 30.84 -18.45
CA PHE A 51 -7.86 31.02 -17.68
C PHE A 51 -7.18 29.69 -17.36
N ASN A 52 -5.86 29.66 -17.56
CA ASN A 52 -4.98 28.60 -17.05
C ASN A 52 -5.31 27.24 -17.69
N LYS A 53 -5.79 27.27 -18.93
CA LYS A 53 -6.21 26.06 -19.65
C LYS A 53 -5.08 25.02 -19.85
N GLU A 54 -3.84 25.46 -19.76
CA GLU A 54 -2.69 24.60 -20.11
C GLU A 54 -2.28 23.68 -18.98
N ASN A 55 -2.47 24.13 -17.75
CA ASN A 55 -1.98 23.37 -16.59
C ASN A 55 -3.04 22.45 -15.95
N MET A 56 -4.26 22.95 -15.82
CA MET A 56 -5.30 22.25 -15.08
C MET A 56 -6.56 22.11 -15.91
N PRO A 57 -7.41 21.10 -15.60
CA PRO A 57 -8.79 21.16 -16.07
C PRO A 57 -9.35 22.49 -15.62
N SER A 58 -10.32 23.01 -16.35
CA SER A 58 -10.96 24.27 -16.03
C SER A 58 -11.89 24.16 -14.84
N HIS A 59 -12.44 22.97 -14.64
CA HIS A 59 -13.41 22.72 -13.58
C HIS A 59 -13.08 21.39 -12.92
N PHE A 60 -12.80 21.45 -11.62
CA PHE A 60 -12.48 20.23 -10.91
C PHE A 60 -12.82 20.40 -9.44
N LYS A 61 -12.98 19.26 -8.76
CA LYS A 61 -13.17 19.22 -7.31
C LYS A 61 -12.16 18.27 -6.70
N PHE A 62 -11.75 18.60 -5.47
CA PHE A 62 -10.86 17.77 -4.70
C PHE A 62 -11.35 17.69 -3.25
N LYS A 63 -11.47 16.48 -2.74
CA LYS A 63 -11.93 16.26 -1.38
C LYS A 63 -10.95 15.36 -0.65
N GLU A 64 -10.51 15.80 0.53
CA GLU A 64 -9.66 14.97 1.36
C GLU A 64 -10.46 14.49 2.57
N TYR A 65 -10.49 13.18 2.75
CA TYR A 65 -11.16 12.57 3.91
C TYR A 65 -10.26 12.59 5.13
N CYS A 66 -10.85 12.93 6.29
CA CYS A 66 -10.19 12.81 7.59
C CYS A 66 -8.71 13.31 7.57
N PRO A 67 -8.47 14.56 7.12
CA PRO A 67 -7.09 15.06 6.97
C PRO A 67 -6.22 14.87 8.22
N MET A 68 -6.75 15.15 9.40
CA MET A 68 -5.97 15.04 10.64
C MET A 68 -5.58 13.59 10.96
N VAL A 69 -6.44 12.64 10.61
CA VAL A 69 -6.17 11.21 10.89
C VAL A 69 -5.01 10.74 10.01
N PHE A 70 -5.05 11.06 8.72
CA PHE A 70 -4.01 10.61 7.81
C PHE A 70 -2.69 11.36 8.06
N ARG A 71 -2.77 12.62 8.49
CA ARG A 71 -1.55 13.34 8.92
C ARG A 71 -0.91 12.64 10.13
N ASN A 72 -1.76 12.22 11.06
CA ASN A 72 -1.30 11.51 12.25
C ASN A 72 -0.69 10.16 11.84
N LEU A 73 -1.39 9.41 10.99
CA LEU A 73 -0.86 8.14 10.48
C LEU A 73 0.48 8.27 9.75
N ARG A 74 0.59 9.26 8.86
CA ARG A 74 1.85 9.48 8.13
C ARG A 74 3.04 9.65 9.10
N GLU A 75 2.87 10.49 10.11
CA GLU A 75 3.93 10.63 11.12
C GLU A 75 4.20 9.32 11.86
N ARG A 76 3.14 8.58 12.23
CA ARG A 76 3.30 7.29 12.91
C ARG A 76 4.06 6.28 12.05
N PHE A 77 3.92 6.37 10.73
CA PHE A 77 4.61 5.47 9.80
C PHE A 77 6.00 5.98 9.37
N GLY A 78 6.46 7.04 10.03
CA GLY A 78 7.78 7.62 9.85
C GLY A 78 7.90 8.51 8.62
N ILE A 79 6.77 9.06 8.17
CA ILE A 79 6.74 9.83 6.92
C ILE A 79 6.53 11.30 7.22
N ASP A 80 7.45 12.13 6.73
CA ASP A 80 7.36 13.58 6.94
C ASP A 80 6.46 14.19 5.83
N ASP A 81 5.60 15.14 6.20
CA ASP A 81 4.61 15.70 5.25
C ASP A 81 5.26 16.35 4.03
N GLN A 82 6.33 17.09 4.28
CA GLN A 82 7.10 17.73 3.20
C GLN A 82 7.66 16.70 2.22
N ASP A 83 8.25 15.62 2.74
CA ASP A 83 8.69 14.51 1.90
C ASP A 83 7.55 13.85 1.10
N PHE A 84 6.43 13.58 1.77
CA PHE A 84 5.27 12.95 1.14
C PHE A 84 4.81 13.84 -0.01
N GLN A 85 4.70 15.15 0.26
CA GLN A 85 4.28 16.13 -0.75
C GLN A 85 5.21 16.04 -1.97
N ASN A 86 6.52 16.10 -1.70
CA ASN A 86 7.53 15.99 -2.78
C ASN A 86 7.37 14.74 -3.62
N SER A 87 7.28 13.58 -2.96
CA SER A 87 7.14 12.31 -3.65
C SER A 87 5.96 12.27 -4.62
N LEU A 88 4.88 12.96 -4.26
CA LEU A 88 3.65 12.88 -5.06
C LEU A 88 3.47 14.05 -6.03
N THR A 89 4.25 15.12 -5.86
CA THR A 89 4.03 16.32 -6.69
C THR A 89 5.23 16.75 -7.56
N ARG A 90 6.46 16.46 -7.13
CA ARG A 90 7.66 16.94 -7.87
C ARG A 90 7.63 16.54 -9.35
N SER A 91 7.17 15.33 -9.60
CA SER A 91 6.98 14.81 -10.94
C SER A 91 5.81 13.86 -10.90
N ALA A 92 5.21 13.60 -12.05
CA ALA A 92 3.99 12.80 -12.09
C ALA A 92 4.19 11.36 -11.64
N PRO A 93 3.20 10.78 -10.91
CA PRO A 93 3.14 9.33 -10.70
C PRO A 93 3.06 8.59 -12.02
N LEU A 94 3.65 7.40 -12.09
CA LEU A 94 3.61 6.59 -13.31
C LEU A 94 2.61 5.45 -13.16
N PRO A 95 1.84 5.16 -14.23
CA PRO A 95 0.97 3.97 -14.17
C PRO A 95 1.84 2.72 -14.11
N ASN A 96 1.34 1.63 -13.55
CA ASN A 96 2.19 0.43 -13.43
C ASN A 96 1.53 -0.88 -13.85
N ASP A 97 2.37 -1.92 -13.96
CA ASP A 97 2.01 -3.20 -14.58
C ASP A 97 0.83 -3.94 -13.95
N SER A 98 1.03 -4.47 -12.74
CA SER A 98 0.02 -5.31 -12.08
C SER A 98 -1.20 -4.52 -11.60
N GLN A 99 -2.38 -5.12 -11.76
CA GLN A 99 -3.65 -4.49 -11.39
C GLN A 99 -4.76 -5.54 -11.28
N ALA A 100 -6.00 -5.07 -11.12
CA ALA A 100 -7.20 -5.90 -11.25
C ALA A 100 -8.44 -5.01 -11.40
N ARG A 101 -8.69 -4.57 -12.63
CA ARG A 101 -9.73 -3.58 -12.95
C ARG A 101 -11.15 -4.06 -12.63
N SER A 102 -11.93 -3.17 -12.01
CA SER A 102 -13.33 -3.45 -11.67
C SER A 102 -14.17 -2.17 -11.70
N ALA A 104 -9.95 -0.57 -11.55
CA ALA A 104 -8.82 -0.35 -10.65
C ALA A 104 -7.53 -0.06 -11.41
N ARG A 105 -7.04 1.16 -11.27
CA ARG A 105 -5.79 1.58 -11.88
C ARG A 105 -4.77 1.86 -10.78
N PHE A 106 -3.54 1.42 -10.99
CA PHE A 106 -2.44 1.67 -10.04
C PHE A 106 -1.44 2.65 -10.62
N HIS A 107 -0.96 3.52 -9.76
CA HIS A 107 0.19 4.35 -10.08
C HIS A 107 1.24 4.22 -8.97
N THR A 108 2.48 4.44 -9.33
CA THR A 108 3.55 4.50 -8.35
C THR A 108 4.07 5.92 -8.35
N SER A 109 4.39 6.45 -7.17
CA SER A 109 5.02 7.74 -7.13
C SER A 109 6.34 7.69 -7.91
N TYR A 110 6.80 8.84 -8.39
CA TYR A 110 7.97 8.88 -9.27
C TYR A 110 9.22 8.34 -8.55
N ASP A 111 9.31 8.58 -7.25
CA ASP A 111 10.46 8.13 -6.47
C ASP A 111 10.26 6.71 -5.90
N LYS A 112 9.22 6.04 -6.38
CA LYS A 112 8.85 4.66 -6.04
C LYS A 112 8.54 4.39 -4.55
N ARG A 113 8.23 5.43 -3.79
CA ARG A 113 7.95 5.25 -2.37
C ARG A 113 6.50 4.87 -2.09
N TYR A 114 5.58 5.33 -2.95
CA TYR A 114 4.15 5.16 -2.68
C TYR A 114 3.37 4.59 -3.85
N ILE A 115 2.30 3.89 -3.50
CA ILE A 115 1.38 3.32 -4.45
C ILE A 115 0.07 4.12 -4.35
N ILE A 116 -0.50 4.43 -5.49
CA ILE A 116 -1.77 5.15 -5.57
C ILE A 116 -2.77 4.23 -6.24
N LYS A 117 -3.78 3.80 -5.51
CA LYS A 117 -4.77 2.88 -6.02
C LYS A 117 -6.13 3.56 -6.13
N THR A 118 -6.84 3.32 -7.23
CA THR A 118 -8.18 3.81 -7.44
C THR A 118 -9.15 2.81 -6.81
N ILE A 119 -10.05 3.28 -5.96
CA ILE A 119 -10.95 2.39 -5.22
C ILE A 119 -12.40 2.84 -5.46
N THR A 120 -13.37 2.03 -5.06
CA THR A 120 -14.80 2.38 -5.22
C THR A 120 -15.33 3.19 -4.05
N SER A 121 -16.52 3.77 -4.20
CA SER A 121 -17.16 4.48 -3.09
C SER A 121 -17.50 3.54 -1.93
N GLU A 122 -17.81 2.28 -2.26
CA GLU A 122 -18.02 1.26 -1.22
C GLU A 122 -16.75 0.97 -0.41
N ASP A 123 -15.60 0.95 -1.07
CA ASP A 123 -14.30 0.84 -0.39
C ASP A 123 -14.06 2.03 0.53
N VAL A 124 -14.41 3.23 0.05
CA VAL A 124 -14.29 4.45 0.85
C VAL A 124 -15.16 4.34 2.10
N ALA A 125 -16.39 3.88 1.91
CA ALA A 125 -17.32 3.71 3.02
C ALA A 125 -16.74 2.70 4.03
N GLU A 126 -16.18 1.60 3.55
CA GLU A 126 -15.56 0.60 4.45
C GLU A 126 -14.32 1.14 5.17
N MET A 127 -13.48 1.90 4.48
CA MET A 127 -12.35 2.57 5.10
C MET A 127 -12.81 3.47 6.28
N HIS A 128 -13.86 4.24 6.08
CA HIS A 128 -14.41 5.07 7.16
C HIS A 128 -14.88 4.25 8.30
N ASN A 129 -15.49 3.10 7.97
CA ASN A 129 -15.99 2.20 8.95
C ASN A 129 -14.89 1.66 9.86
N ILE A 130 -13.73 1.33 9.31
CA ILE A 130 -12.67 0.72 10.09
C ILE A 130 -11.59 1.67 10.57
N LEU A 131 -11.65 2.93 10.13
CA LEU A 131 -10.50 3.84 10.29
C LEU A 131 -10.08 4.04 11.74
N LYS A 132 -11.05 4.25 12.63
CA LYS A 132 -10.74 4.42 14.05
C LYS A 132 -10.08 3.16 14.64
N LYS A 133 -10.65 1.98 14.38
CA LYS A 133 -10.07 0.74 14.88
C LYS A 133 -8.69 0.52 14.30
N TYR A 134 -8.54 0.84 13.02
CA TYR A 134 -7.21 0.77 12.35
C TYR A 134 -6.20 1.68 13.05
N HIS A 135 -6.58 2.94 13.23
CA HIS A 135 -5.70 3.88 13.88
C HIS A 135 -5.29 3.38 15.28
N GLN A 136 -6.28 2.92 16.05
CA GLN A 136 -6.01 2.38 17.40
C GLN A 136 -5.06 1.20 17.39
N TYR A 137 -5.23 0.31 16.41
CA TYR A 137 -4.32 -0.80 16.20
C TYR A 137 -2.89 -0.32 15.91
N ILE A 138 -2.77 0.71 15.05
CA ILE A 138 -1.46 1.29 14.71
C ILE A 138 -0.80 1.90 15.96
N VAL A 139 -1.59 2.58 16.79
CA VAL A 139 -1.07 3.13 18.05
C VAL A 139 -0.55 2.01 18.93
N GLU A 140 -1.37 0.97 19.11
CA GLU A 140 -1.03 -0.15 19.99
C GLU A 140 0.28 -0.84 19.59
N CYS A 141 0.49 -1.06 18.29
CA CYS A 141 1.73 -1.72 17.86
C CYS A 141 2.90 -0.76 17.56
N HIS A 142 2.75 0.52 17.88
CA HIS A 142 3.75 1.55 17.56
C HIS A 142 4.13 1.56 16.08
N GLY A 143 3.15 1.33 15.21
CA GLY A 143 3.40 1.35 13.78
C GLY A 143 4.24 0.20 13.25
N ILE A 144 4.46 -0.83 14.06
CA ILE A 144 5.26 -1.99 13.64
C ILE A 144 4.26 -3.08 13.27
N THR A 145 4.02 -3.21 11.97
CA THR A 145 2.93 -4.03 11.46
C THR A 145 3.15 -4.34 9.99
N LEU A 146 2.54 -5.43 9.51
CA LEU A 146 2.65 -5.80 8.09
C LEU A 146 1.41 -5.34 7.32
N LEU A 147 0.46 -4.73 8.03
CA LEU A 147 -0.77 -4.21 7.40
C LEU A 147 -0.43 -3.12 6.40
N PRO A 148 -1.31 -2.92 5.38
CA PRO A 148 -1.09 -1.75 4.53
C PRO A 148 -1.05 -0.48 5.36
N GLN A 149 -0.21 0.46 4.94
CA GLN A 149 -0.11 1.74 5.57
C GLN A 149 -0.93 2.72 4.76
N PHE A 150 -2.07 3.14 5.31
CA PHE A 150 -2.96 4.09 4.64
C PHE A 150 -2.50 5.50 4.96
N LEU A 151 -2.11 6.21 3.91
CA LEU A 151 -1.42 7.48 4.05
C LEU A 151 -2.25 8.69 3.63
N GLY A 152 -3.30 8.44 2.84
CA GLY A 152 -4.17 9.52 2.35
C GLY A 152 -5.32 8.91 1.57
N MET A 153 -6.50 9.53 1.60
CA MET A 153 -7.63 9.05 0.82
C MET A 153 -8.35 10.28 0.26
N TYR A 154 -8.69 10.22 -1.03
CA TYR A 154 -9.15 11.43 -1.73
C TYR A 154 -10.26 11.11 -2.71
N ARG A 155 -11.06 12.14 -3.04
CA ARG A 155 -12.04 12.03 -4.10
C ARG A 155 -11.74 13.13 -5.10
N LEU A 156 -11.65 12.75 -6.37
CA LEU A 156 -11.31 13.70 -7.45
C LEU A 156 -12.51 13.79 -8.37
N ASN A 157 -12.84 15.01 -8.80
CA ASN A 157 -13.87 15.19 -9.84
C ASN A 157 -13.32 15.99 -11.01
N VAL A 158 -13.38 15.42 -12.21
CA VAL A 158 -13.05 16.17 -13.42
C VAL A 158 -14.10 15.87 -14.48
N ASP A 159 -14.87 16.90 -14.86
CA ASP A 159 -15.84 16.85 -15.96
C ASP A 159 -16.60 15.52 -16.08
N GLY A 160 -17.52 15.30 -15.16
CA GLY A 160 -18.35 14.10 -15.17
C GLY A 160 -17.74 12.88 -14.50
N VAL A 161 -16.42 12.79 -14.49
CA VAL A 161 -15.74 11.64 -13.90
C VAL A 161 -15.36 11.88 -12.43
N GLU A 162 -15.85 11.01 -11.56
CA GLU A 162 -15.52 11.02 -10.15
C GLU A 162 -14.68 9.77 -9.89
N ILE A 163 -13.54 9.92 -9.21
CA ILE A 163 -12.78 8.74 -8.79
C ILE A 163 -12.29 8.87 -7.36
N TYR A 164 -12.11 7.74 -6.68
CA TYR A 164 -11.64 7.74 -5.31
C TYR A 164 -10.26 7.14 -5.34
N VAL A 165 -9.36 7.68 -4.52
CA VAL A 165 -7.96 7.28 -4.53
C VAL A 165 -7.53 7.01 -3.09
N ILE A 166 -6.78 5.93 -2.88
CA ILE A 166 -6.06 5.72 -1.62
C ILE A 166 -4.54 5.65 -1.87
N VAL A 167 -3.74 6.30 -1.03
CA VAL A 167 -2.28 6.23 -1.12
C VAL A 167 -1.73 5.33 -0.03
N THR A 168 -0.87 4.39 -0.40
CA THR A 168 -0.25 3.50 0.58
C THR A 168 1.26 3.43 0.37
N ARG A 169 1.96 2.79 1.30
CA ARG A 169 3.39 2.53 1.14
C ARG A 169 3.61 1.38 0.19
N ASN A 170 4.56 1.58 -0.73
CA ASN A 170 5.05 0.52 -1.58
C ASN A 170 5.61 -0.59 -0.69
N VAL A 171 5.22 -1.83 -0.92
CA VAL A 171 5.81 -2.97 -0.20
C VAL A 171 7.29 -3.14 -0.59
N PHE A 172 7.58 -2.87 -1.86
CA PHE A 172 8.91 -3.03 -2.40
C PHE A 172 9.81 -1.83 -2.15
N SER A 173 11.11 -2.06 -2.33
CA SER A 173 12.12 -1.03 -2.13
C SER A 173 11.98 0.09 -3.15
N HIS A 174 12.33 1.30 -2.75
CA HIS A 174 12.33 2.44 -3.66
C HIS A 174 13.64 2.50 -4.46
N ARG A 175 14.60 1.65 -4.09
CA ARG A 175 15.89 1.56 -4.77
C ARG A 175 16.08 0.16 -5.33
N LEU A 176 16.19 -0.82 -4.44
CA LEU A 176 16.47 -2.20 -4.86
C LEU A 176 15.34 -2.76 -5.70
N SER A 177 15.64 -3.05 -6.96
CA SER A 177 14.66 -3.63 -7.88
C SER A 177 14.27 -5.06 -7.51
N VAL A 178 13.04 -5.42 -7.84
CA VAL A 178 12.49 -6.74 -7.56
C VAL A 178 12.33 -7.50 -8.88
N TYR A 179 12.81 -8.75 -8.91
CA TYR A 179 12.76 -9.57 -10.13
C TYR A 179 11.67 -10.63 -10.08
N ARG A 180 11.15 -10.89 -8.88
CA ARG A 180 10.15 -11.93 -8.71
C ARG A 180 9.13 -11.51 -7.64
N LYS A 181 7.86 -11.80 -7.90
CA LYS A 181 6.73 -11.25 -7.17
C LYS A 181 5.64 -12.29 -6.97
N TYR A 182 5.22 -12.49 -5.72
CA TYR A 182 4.17 -13.46 -5.40
C TYR A 182 3.03 -12.81 -4.60
N ASP A 183 1.82 -13.35 -4.80
CA ASP A 183 0.61 -12.87 -4.17
C ASP A 183 -0.07 -14.10 -3.59
N LEU A 184 -0.02 -14.22 -2.26
CA LEU A 184 -0.36 -15.46 -1.59
C LEU A 184 -1.55 -15.33 -0.64
N LYS A 185 -2.45 -16.32 -0.67
CA LYS A 185 -3.62 -16.30 0.20
C LYS A 185 -3.71 -17.50 1.11
N GLY A 186 -3.18 -18.63 0.66
CA GLY A 186 -3.30 -19.88 1.38
C GLY A 186 -4.65 -20.51 1.14
N SER A 187 -5.22 -20.22 -0.03
CA SER A 187 -6.55 -20.71 -0.39
C SER A 187 -6.60 -22.23 -0.59
N THR A 188 -7.58 -22.87 0.04
CA THR A 188 -7.88 -24.29 -0.15
C THR A 188 -8.28 -24.56 -1.59
N VAL A 189 -9.12 -23.67 -2.15
CA VAL A 189 -9.43 -23.66 -3.57
C VAL A 189 -8.17 -23.35 -4.37
N ALA A 190 -7.96 -24.11 -5.45
CA ALA A 190 -6.79 -23.95 -6.31
C ALA A 190 -6.64 -22.52 -6.80
N ARG A 191 -5.45 -21.98 -6.63
CA ARG A 191 -5.16 -20.60 -6.99
C ARG A 191 -3.81 -20.50 -7.70
N GLU A 192 -3.86 -20.16 -8.99
CA GLU A 192 -2.67 -20.14 -9.83
C GLU A 192 -2.73 -18.98 -10.79
N ALA A 193 -1.55 -18.49 -11.20
CA ALA A 193 -1.50 -17.57 -12.31
C ALA A 193 -1.80 -18.36 -13.58
N SER A 194 -2.51 -17.73 -14.52
CA SER A 194 -2.83 -18.33 -15.81
C SER A 194 -1.59 -18.36 -16.72
N ASP A 195 -1.69 -19.09 -17.84
CA ASP A 195 -0.59 -19.18 -18.82
C ASP A 195 -0.37 -17.84 -19.55
N LYS A 196 -1.44 -17.06 -19.66
CA LYS A 196 -1.35 -15.70 -20.21
C LYS A 196 -0.76 -14.73 -19.19
N GLU A 197 -0.95 -15.05 -17.91
CA GLU A 197 -0.42 -14.22 -16.82
C GLU A 197 1.10 -14.33 -16.72
N LYS A 198 1.62 -15.56 -16.73
CA LYS A 198 3.05 -15.85 -16.65
C LYS A 198 3.85 -15.19 -17.77
N ALA A 199 3.15 -14.87 -18.86
CA ALA A 199 3.70 -14.15 -20.00
C ALA A 199 4.05 -12.68 -19.71
N LYS A 200 3.55 -12.16 -18.59
CA LYS A 200 3.86 -10.79 -18.16
C LYS A 200 5.34 -10.65 -17.81
N GLU A 201 5.85 -9.42 -17.84
CA GLU A 201 7.27 -9.16 -17.54
C GLU A 201 7.60 -9.43 -16.07
N LEU A 202 6.91 -8.72 -15.18
CA LEU A 202 6.99 -8.99 -13.75
C LEU A 202 5.65 -9.59 -13.35
N PRO A 203 5.46 -10.90 -13.59
CA PRO A 203 4.15 -11.50 -13.33
C PRO A 203 3.80 -11.60 -11.83
N THR A 204 2.50 -11.53 -11.54
CA THR A 204 2.02 -11.74 -10.20
C THR A 204 1.69 -13.21 -10.04
N LEU A 205 2.68 -13.97 -9.58
CA LEU A 205 2.54 -15.39 -9.33
C LEU A 205 1.69 -15.63 -8.08
N LYS A 206 1.16 -16.85 -7.91
CA LYS A 206 0.26 -17.16 -6.80
C LYS A 206 0.62 -18.45 -6.07
N ASP A 207 -0.27 -18.86 -5.15
CA ASP A 207 -0.06 -19.98 -4.24
C ASP A 207 0.42 -21.27 -4.91
N ASN A 208 -0.07 -21.53 -6.11
CA ASN A 208 0.30 -22.74 -6.84
C ASN A 208 1.68 -22.61 -7.45
N ASP A 209 1.96 -21.46 -8.09
CA ASP A 209 3.27 -21.18 -8.68
C ASP A 209 4.41 -21.33 -7.65
N PHE A 210 4.11 -20.94 -6.41
CA PHE A 210 5.07 -20.98 -5.31
C PHE A 210 5.32 -22.42 -4.88
N ILE A 211 4.24 -23.18 -4.70
CA ILE A 211 4.35 -24.59 -4.35
C ILE A 211 4.96 -25.38 -5.52
N ASN A 212 4.55 -25.05 -6.75
CA ASN A 212 5.03 -25.73 -7.97
C ASN A 212 6.53 -25.58 -8.16
N GLU A 213 6.99 -24.32 -8.26
CA GLU A 213 8.39 -24.01 -8.56
C GLU A 213 9.32 -24.13 -7.35
N GLY A 214 8.82 -24.77 -6.28
CA GLY A 214 9.54 -24.95 -5.02
C GLY A 214 10.30 -23.71 -4.55
N GLN A 215 9.64 -22.56 -4.58
CA GLN A 215 10.24 -21.32 -4.12
C GLN A 215 10.56 -21.45 -2.64
N LYS A 216 11.77 -21.05 -2.30
CA LYS A 216 12.15 -21.01 -0.89
C LYS A 216 12.49 -19.58 -0.53
N ILE A 217 12.30 -19.27 0.74
CA ILE A 217 12.69 -17.97 1.27
C ILE A 217 13.69 -18.24 2.38
N TYR A 218 14.93 -17.79 2.19
CA TYR A 218 16.01 -18.12 3.09
C TYR A 218 16.26 -17.01 4.10
N ILE A 219 15.47 -17.01 5.17
CA ILE A 219 15.67 -16.06 6.26
C ILE A 219 15.98 -16.83 7.53
N ASP A 220 16.79 -16.23 8.41
CA ASP A 220 17.19 -16.90 9.66
C ASP A 220 16.01 -17.04 10.63
N ASP A 221 16.24 -17.80 11.70
CA ASP A 221 15.21 -18.16 12.65
C ASP A 221 14.61 -17.01 13.42
N ASN A 222 15.44 -16.02 13.76
CA ASN A 222 14.94 -14.88 14.50
C ASN A 222 14.02 -14.00 13.64
N ASN A 223 14.47 -13.68 12.42
CA ASN A 223 13.68 -12.89 11.47
C ASN A 223 12.35 -13.57 11.15
N LYS A 224 12.37 -14.89 10.94
CA LYS A 224 11.16 -15.65 10.68
C LYS A 224 10.18 -15.56 11.84
N LYS A 225 10.67 -15.72 13.07
CA LYS A 225 9.80 -15.70 14.24
C LYS A 225 9.18 -14.31 14.47
N VAL A 226 10.02 -13.29 14.39
CA VAL A 226 9.56 -11.90 14.47
C VAL A 226 8.46 -11.64 13.43
N PHE A 227 8.74 -11.99 12.17
CA PHE A 227 7.81 -11.80 11.07
C PHE A 227 6.47 -12.48 11.34
N LEU A 228 6.52 -13.76 11.70
CA LEU A 228 5.30 -14.54 11.90
C LEU A 228 4.50 -14.08 13.10
N GLU A 229 5.20 -13.56 14.12
CA GLU A 229 4.54 -13.04 15.32
C GLU A 229 3.71 -11.81 14.93
N LYS A 230 4.34 -10.90 14.20
CA LYS A 230 3.65 -9.73 13.64
C LYS A 230 2.48 -10.15 12.79
N LEU A 231 2.73 -11.06 11.84
CA LEU A 231 1.70 -11.52 10.92
C LEU A 231 0.51 -12.07 11.68
N LYS A 232 0.78 -12.78 12.78
CA LYS A 232 -0.27 -13.36 13.61
C LYS A 232 -1.21 -12.30 14.17
N LYS A 233 -0.64 -11.28 14.82
CA LYS A 233 -1.46 -10.21 15.38
C LYS A 233 -2.24 -9.44 14.31
N ASP A 234 -1.59 -9.16 13.18
CA ASP A 234 -2.21 -8.38 12.10
C ASP A 234 -3.45 -9.07 11.55
N VAL A 235 -3.31 -10.36 11.26
CA VAL A 235 -4.37 -11.14 10.60
C VAL A 235 -5.55 -11.38 11.55
N GLU A 236 -5.26 -11.57 12.84
CA GLU A 236 -6.31 -11.67 13.85
C GLU A 236 -7.12 -10.38 13.95
N PHE A 237 -6.43 -9.24 13.93
CA PHE A 237 -7.09 -7.93 13.85
C PHE A 237 -8.03 -7.88 12.64
N LEU A 238 -7.51 -8.26 11.47
CA LEU A 238 -8.32 -8.32 10.25
C LEU A 238 -9.55 -9.26 10.37
N ALA A 239 -9.33 -10.44 10.92
CA ALA A 239 -10.39 -11.41 11.17
C ALA A 239 -11.45 -10.80 12.09
N GLN A 240 -11.00 -10.18 13.17
CA GLN A 240 -11.86 -9.45 14.09
C GLN A 240 -12.77 -8.42 13.40
N LEU A 241 -12.26 -7.74 12.37
CA LEU A 241 -13.03 -6.78 11.59
C LEU A 241 -13.88 -7.42 10.50
N LYS A 242 -13.87 -8.75 10.44
CA LYS A 242 -14.56 -9.52 9.41
C LYS A 242 -14.04 -9.18 8.01
N LEU A 243 -12.75 -8.88 7.91
CA LEU A 243 -12.14 -8.63 6.62
C LEU A 243 -11.52 -9.91 6.06
N MET A 244 -11.47 -10.03 4.74
CA MET A 244 -10.82 -11.16 4.08
C MET A 244 -10.41 -10.82 2.65
N ASP A 245 -9.90 -11.82 1.92
CA ASP A 245 -9.40 -11.66 0.54
C ASP A 245 -8.14 -10.81 0.45
N TYR A 246 -7.39 -10.74 1.55
CA TYR A 246 -6.12 -10.02 1.57
C TYR A 246 -4.97 -10.97 1.21
N SER A 247 -3.89 -10.42 0.70
CA SER A 247 -2.76 -11.24 0.30
C SER A 247 -1.48 -10.87 1.05
N LEU A 248 -0.56 -11.83 1.11
CA LEU A 248 0.82 -11.49 1.39
C LEU A 248 1.52 -11.27 0.08
N LEU A 249 2.00 -10.04 -0.11
CA LEU A 249 2.79 -9.69 -1.25
C LEU A 249 4.25 -9.97 -0.92
N VAL A 250 4.91 -10.76 -1.78
CA VAL A 250 6.30 -11.15 -1.62
C VAL A 250 7.11 -10.73 -2.82
N GLY A 251 8.09 -9.84 -2.61
CA GLY A 251 9.02 -9.44 -3.65
C GLY A 251 10.43 -9.92 -3.33
N ILE A 252 11.16 -10.35 -4.36
CA ILE A 252 12.55 -10.82 -4.20
C ILE A 252 13.53 -9.99 -5.00
N HIS A 253 14.50 -9.41 -4.30
CA HIS A 253 15.59 -8.68 -4.91
C HIS A 253 16.82 -9.60 -5.03
N ASP A 254 17.29 -9.81 -6.26
CA ASP A 254 18.51 -10.58 -6.46
C ASP A 254 19.70 -9.64 -6.63
N VAL A 255 20.58 -9.66 -5.62
CA VAL A 255 21.76 -8.78 -5.56
C VAL A 255 22.75 -9.09 -6.68
N GLU A 256 22.82 -10.37 -7.07
CA GLU A 256 23.67 -10.80 -8.19
C GLU A 256 23.21 -10.19 -9.51
N ARG A 257 21.94 -10.41 -9.86
CA ARG A 257 21.34 -9.85 -11.08
C ARG A 257 21.42 -8.32 -11.16
N ALA A 258 21.38 -7.66 -10.01
CA ALA A 258 21.49 -6.21 -9.93
C ALA A 258 22.89 -5.70 -10.30
N GLU A 259 23.91 -6.51 -10.04
CA GLU A 259 25.29 -6.18 -10.41
C GLU A 259 25.67 -6.76 -11.77
N ALA A 300 25.93 1.71 -1.31
CA ALA A 300 24.95 0.65 -1.16
C ALA A 300 25.12 -0.45 -2.22
N PRO A 301 25.82 -1.55 -1.89
CA PRO A 301 25.92 -2.72 -2.75
C PRO A 301 25.09 -3.92 -2.27
N GLY A 302 23.76 -3.82 -2.42
CA GLY A 302 22.84 -4.87 -1.97
C GLY A 302 22.22 -4.59 -0.60
N GLU A 303 22.49 -3.40 -0.07
CA GLU A 303 21.93 -3.00 1.22
C GLU A 303 20.82 -1.96 1.05
N PHE A 304 19.90 -1.93 2.01
CA PHE A 304 18.73 -1.06 1.92
C PHE A 304 18.58 -0.24 3.20
N ASP A 305 17.94 0.92 3.09
CA ASP A 305 17.60 1.76 4.24
C ASP A 305 16.32 1.21 4.90
N PRO A 306 16.45 0.59 6.09
CA PRO A 306 15.30 -0.04 6.74
C PRO A 306 14.22 0.95 7.19
N ASN A 307 14.57 2.24 7.24
CA ASN A 307 13.59 3.28 7.58
C ASN A 307 12.81 3.79 6.38
N ILE A 308 13.26 3.42 5.17
CA ILE A 308 12.49 3.68 3.95
C ILE A 308 11.85 2.39 3.43
N ASP A 309 12.68 1.36 3.22
CA ASP A 309 12.22 0.06 2.78
C ASP A 309 11.91 -0.80 4.00
N VAL A 310 10.80 -0.47 4.65
CA VAL A 310 10.48 -0.96 5.98
C VAL A 310 10.19 -2.45 6.00
N TYR A 311 9.89 -3.03 4.84
CA TYR A 311 9.48 -4.41 4.77
C TYR A 311 10.61 -5.35 4.36
N GLY A 312 11.80 -4.79 4.17
CA GLY A 312 12.96 -5.57 3.73
C GLY A 312 13.46 -6.52 4.80
N ILE A 313 13.83 -7.74 4.37
CA ILE A 313 14.47 -8.72 5.27
C ILE A 313 15.60 -9.37 4.46
N LYS A 314 16.84 -9.22 4.91
CA LYS A 314 17.99 -9.88 4.26
C LYS A 314 17.93 -11.40 4.39
N CYS A 315 18.46 -12.11 3.39
CA CYS A 315 18.58 -13.57 3.47
C CYS A 315 19.61 -13.96 4.55
N HIS A 316 19.59 -15.22 4.98
CA HIS A 316 20.63 -15.66 5.93
C HIS A 316 21.93 -16.00 5.19
N GLU A 317 23.01 -16.22 5.95
CA GLU A 317 24.36 -16.36 5.35
C GLU A 317 24.53 -17.58 4.44
N ASN A 318 23.67 -18.58 4.58
CA ASN A 318 23.80 -19.78 3.76
C ASN A 318 22.81 -19.87 2.61
N SER A 319 22.19 -18.75 2.28
CA SER A 319 21.26 -18.69 1.17
C SER A 319 21.98 -18.99 -0.15
N PRO A 320 21.41 -19.86 -0.99
CA PRO A 320 22.04 -20.20 -2.27
C PRO A 320 22.40 -18.97 -3.09
N ARG A 321 21.67 -17.88 -2.86
CA ARG A 321 21.91 -16.62 -3.57
C ARG A 321 21.68 -15.43 -2.64
N LYS A 322 22.44 -14.35 -2.85
CA LYS A 322 22.26 -13.12 -2.10
C LYS A 322 20.92 -12.50 -2.45
N GLU A 323 19.96 -12.62 -1.53
CA GLU A 323 18.60 -12.11 -1.74
C GLU A 323 18.16 -11.16 -0.62
N VAL A 324 17.24 -10.26 -0.97
CA VAL A 324 16.51 -9.43 0.00
C VAL A 324 15.03 -9.62 -0.28
N TYR A 325 14.25 -9.91 0.75
CA TYR A 325 12.82 -10.14 0.56
C TYR A 325 12.04 -8.91 1.00
N PHE A 326 10.89 -8.70 0.38
CA PHE A 326 9.99 -7.62 0.80
C PHE A 326 8.60 -8.19 0.89
N MET A 327 8.09 -8.25 2.12
CA MET A 327 6.84 -8.95 2.40
C MET A 327 5.92 -8.11 3.30
N ALA A 328 4.65 -8.04 2.92
CA ALA A 328 3.65 -7.24 3.65
C ALA A 328 2.24 -7.65 3.20
N ILE A 329 1.25 -7.30 4.02
CA ILE A 329 -0.14 -7.60 3.69
C ILE A 329 -0.66 -6.48 2.80
N ILE A 330 -1.46 -6.86 1.81
CA ILE A 330 -2.09 -5.87 0.94
C ILE A 330 -3.55 -6.23 0.75
N ASP A 331 -4.35 -5.24 0.39
CA ASP A 331 -5.72 -5.45 -0.10
C ASP A 331 -6.69 -5.99 0.95
N ILE A 332 -7.01 -5.15 1.93
CA ILE A 332 -7.78 -5.64 3.06
C ILE A 332 -9.28 -5.25 3.06
N LEU A 333 -9.68 -4.44 2.07
CA LEU A 333 -10.96 -3.70 2.15
C LEU A 333 -12.26 -4.35 1.76
N THR A 334 -12.25 -5.62 1.37
CA THR A 334 -13.52 -6.30 1.15
C THR A 334 -13.93 -7.05 2.41
N THR A 359 -18.72 -21.26 2.76
CA THR A 359 -17.67 -22.05 3.38
C THR A 359 -16.51 -21.17 3.87
N VAL A 360 -16.00 -20.30 3.01
CA VAL A 360 -14.87 -19.44 3.34
C VAL A 360 -15.29 -18.20 4.14
N ASN A 361 -15.06 -18.24 5.45
CA ASN A 361 -15.38 -17.12 6.34
C ASN A 361 -14.11 -16.47 6.93
N PRO A 362 -14.22 -15.22 7.44
CA PRO A 362 -13.01 -14.50 7.90
C PRO A 362 -12.18 -15.28 8.92
N GLU A 363 -12.85 -15.94 9.86
CA GLU A 363 -12.17 -16.69 10.91
C GLU A 363 -11.36 -17.86 10.34
N GLN A 364 -11.96 -18.56 9.38
CA GLN A 364 -11.29 -19.68 8.70
C GLN A 364 -10.18 -19.16 7.80
N TYR A 365 -10.51 -18.16 6.98
CA TYR A 365 -9.56 -17.51 6.09
C TYR A 365 -8.28 -17.12 6.84
N SER A 366 -8.46 -16.53 8.02
CA SER A 366 -7.38 -16.14 8.92
C SER A 366 -6.44 -17.30 9.25
N LYS A 367 -7.00 -18.46 9.62
CA LYS A 367 -6.22 -19.66 9.95
C LYS A 367 -5.51 -20.22 8.72
N ARG A 368 -6.27 -20.40 7.63
CA ARG A 368 -5.73 -20.84 6.34
C ARG A 368 -4.51 -20.03 5.91
N PHE A 369 -4.66 -18.70 5.92
CA PHE A 369 -3.62 -17.75 5.53
C PHE A 369 -2.36 -17.93 6.37
N LEU A 370 -2.54 -17.98 7.69
CA LEU A 370 -1.41 -18.13 8.62
C LEU A 370 -0.70 -19.48 8.51
N ASP A 371 -1.49 -20.54 8.28
CA ASP A 371 -0.97 -21.91 8.14
C ASP A 371 -0.02 -21.98 6.96
N PHE A 372 -0.52 -21.53 5.81
CA PHE A 372 0.23 -21.51 4.56
C PHE A 372 1.53 -20.70 4.65
N ILE A 373 1.46 -19.50 5.22
CA ILE A 373 2.62 -18.62 5.26
C ILE A 373 3.72 -19.19 6.15
N GLY A 374 3.33 -19.76 7.29
CA GLY A 374 4.27 -20.41 8.20
C GLY A 374 4.90 -21.64 7.57
N HIS A 375 4.14 -22.27 6.67
CA HIS A 375 4.59 -23.42 5.90
C HIS A 375 5.71 -23.04 4.93
N ILE A 376 5.52 -21.91 4.23
CA ILE A 376 6.46 -21.49 3.17
C ILE A 376 7.71 -20.79 3.66
N LEU A 377 7.76 -20.47 4.96
CA LEU A 377 8.97 -19.88 5.55
C LEU A 377 9.77 -20.93 6.34
#